data_7YGC
#
_entry.id   7YGC
#
_cell.length_a   1.00
_cell.length_b   1.00
_cell.length_c   1.00
_cell.angle_alpha   90.00
_cell.angle_beta   90.00
_cell.angle_gamma   90.00
#
_symmetry.space_group_name_H-M   'P 1'
#
loop_
_entity.id
_entity.type
_entity.pdbx_description
1 polymer "RNA (5'-R(*UP*CP*G)-3')"
2 polymer "RNA (5'-R(*CP*CP*CP*UP*CP*UP*UP*AP*AP*CP*C)-3')"
3 polymer 'RNA (393-MER)'
4 non-polymer 'MAGNESIUM ION'
#
loop_
_entity_poly.entity_id
_entity_poly.type
_entity_poly.pdbx_seq_one_letter_code
_entity_poly.pdbx_strand_id
1 'polyribonucleotide' UCG A
2 'polyribonucleotide' CCCUCU(SSU)AACC B
3 'polyribonucleotide'
;GGUUUGGAGGGAAAAGUUAUCAGGCAUGCACCUGGUAGCUAGUCUUUAAACCAAUAGAUUGCAUCGGUUUAAAAGGCAAG
ACCGUCAAAUUGCGGGAAAGGGGUCAACAGCCGUUCAGUACCAAGUCUCAGGGGAAACUUUGAGAUGGCCUUGCAAAGGG
UAUGGUAAUAAGCUGACGGACAUGGUCCUAACCACGCAGCCAAGUCCUAAGUCAACAGAUCUUCUGUUGAUAUGGAUGCA
GUUCACAGACUAAAUGUCGGUCGGGGAAGAUGUAUUCUUCUCAUAAGAUAUAGUCGGACCUCUCCUUAAUGGGAGCUAGC
GGAUGAAGUGAUGCAACACUGGAGCCGCUGGGAACUAAUUUGUAUGCGAAAGUAUAUUGAUUAGUUUUGGAGU
;
N
#